data_6VDN
#
_entry.id   6VDN
#
_cell.length_a   54.111
_cell.length_b   58.741
_cell.length_c   60.376
_cell.angle_alpha   90.000
_cell.angle_beta   90.000
_cell.angle_gamma   90.000
#
_symmetry.space_group_name_H-M   'P 21 21 21'
#
loop_
_entity.id
_entity.type
_entity.pdbx_description
1 polymer 'Non-structural protein 4A, Serine protease NS3'
2 non-polymer 'ZINC ION'
3 non-polymer GLYCEROL
4 non-polymer 'SULFATE ION'
5 water water
#
_entity_poly.entity_id   1
_entity_poly.type   'polypeptide(L)'
_entity_poly.pdbx_seq_one_letter_code
;GSHMASMKKKGSVVIVGRINLSGDTAYAQQTRGEEGCQETSQTGRDKNQVEGEVQIVSTATQTFLATSINGVLWTVYHGA
GTRTIASPKGPVTQMYTNVDKDLVGWQAPQGSRSLTPCTCGSSDLYLVTRHADVIPVRRRGDSRGSLLSPRPISYLKGSS
GGPLLCPAGHAVGIFRTAVCTRGVAKAVDFIPVESLETTMRSP
;
_entity_poly.pdbx_strand_id   A
#
loop_
_chem_comp.id
_chem_comp.type
_chem_comp.name
_chem_comp.formula
GOL non-polymer GLYCEROL 'C3 H8 O3'
SO4 non-polymer 'SULFATE ION' 'O4 S -2'
ZN non-polymer 'ZINC ION' 'Zn 2'
#
# COMPACT_ATOMS: atom_id res chain seq x y z
N HIS A 3 0.00 17.99 30.12
CA HIS A 3 0.96 17.35 31.03
C HIS A 3 0.96 15.84 30.79
N MET A 4 1.97 15.16 31.36
CA MET A 4 2.26 13.79 30.96
C MET A 4 1.06 12.87 31.13
N ALA A 5 0.32 13.02 32.23
CA ALA A 5 -0.82 12.12 32.48
C ALA A 5 -1.87 12.21 31.39
N SER A 6 -1.92 13.32 30.65
CA SER A 6 -2.98 13.56 29.68
C SER A 6 -2.57 13.21 28.25
N MET A 7 -1.37 12.67 28.04
CA MET A 7 -0.84 12.48 26.70
C MET A 7 -1.49 11.28 26.03
N LYS A 8 -2.01 11.51 24.82
CA LYS A 8 -2.62 10.45 24.03
C LYS A 8 -1.55 9.59 23.38
N LYS A 9 -1.97 8.54 22.69
CA LYS A 9 -1.06 7.69 21.92
C LYS A 9 -1.51 7.65 20.47
N LYS A 10 -0.54 7.52 19.58
CA LYS A 10 -0.84 7.36 18.17
C LYS A 10 -1.74 6.15 17.97
N GLY A 11 -2.70 6.28 17.07
CA GLY A 11 -3.57 5.17 16.74
C GLY A 11 -2.90 4.15 15.83
N SER A 12 -3.57 3.01 15.71
CA SER A 12 -3.14 1.95 14.80
C SER A 12 -3.69 2.20 13.39
N VAL A 13 -2.88 1.83 12.40
CA VAL A 13 -3.40 1.70 11.04
C VAL A 13 -4.45 0.60 11.03
N VAL A 14 -5.53 0.80 10.27
CA VAL A 14 -6.64 -0.13 10.23
C VAL A 14 -6.95 -0.50 8.78
N ILE A 15 -7.06 -1.80 8.51
CA ILE A 15 -7.51 -2.30 7.22
C ILE A 15 -9.01 -2.04 7.11
N VAL A 16 -9.41 -1.22 6.14
CA VAL A 16 -10.82 -0.87 5.94
C VAL A 16 -11.38 -1.48 4.68
N GLY A 17 -10.57 -2.18 3.90
CA GLY A 17 -11.04 -2.80 2.69
C GLY A 17 -9.90 -3.44 1.92
N ARG A 18 -10.20 -3.77 0.66
CA ARG A 18 -9.22 -4.40 -0.20
C ARG A 18 -9.51 -4.09 -1.66
N ILE A 19 -8.49 -4.26 -2.49
CA ILE A 19 -8.64 -4.20 -3.94
C ILE A 19 -8.64 -5.64 -4.44
N ASN A 20 -9.79 -6.11 -4.90
CA ASN A 20 -9.93 -7.48 -5.35
C ASN A 20 -9.34 -7.63 -6.75
N LEU A 21 -8.36 -8.50 -6.90
CA LEU A 21 -7.73 -8.74 -8.19
C LEU A 21 -7.80 -10.20 -8.59
N SER A 22 -8.62 -11.01 -7.93
CA SER A 22 -8.61 -12.45 -8.10
C SER A 22 -9.46 -12.92 -9.27
N GLY A 23 -10.23 -12.05 -9.90
CA GLY A 23 -11.06 -12.47 -11.00
C GLY A 23 -10.68 -11.81 -12.31
N ASP A 24 -11.63 -11.67 -13.23
CA ASP A 24 -11.43 -10.95 -14.47
C ASP A 24 -11.67 -9.44 -14.33
N THR A 25 -12.17 -8.99 -13.19
CA THR A 25 -12.51 -7.59 -12.97
C THR A 25 -11.95 -7.14 -11.63
N ALA A 26 -11.24 -6.02 -11.64
CA ALA A 26 -10.73 -5.43 -10.41
C ALA A 26 -11.77 -4.50 -9.81
N TYR A 27 -11.92 -4.57 -8.49
CA TYR A 27 -12.89 -3.72 -7.81
C TYR A 27 -12.53 -3.57 -6.33
N ALA A 28 -12.88 -2.42 -5.77
CA ALA A 28 -12.65 -2.17 -4.36
C ALA A 28 -13.79 -2.72 -3.53
N GLN A 29 -13.46 -3.26 -2.36
CA GLN A 29 -14.44 -3.70 -1.38
C GLN A 29 -14.13 -3.04 -0.05
N GLN A 30 -15.15 -2.53 0.62
CA GLN A 30 -14.99 -2.00 1.97
C GLN A 30 -15.39 -3.08 2.96
N THR A 31 -14.59 -3.26 4.00
CA THR A 31 -14.83 -4.27 5.02
C THR A 31 -15.13 -3.66 6.38
N ARG A 32 -14.95 -2.36 6.54
CA ARG A 32 -15.19 -1.70 7.82
C ARG A 32 -15.56 -0.24 7.53
N GLY A 33 -16.61 0.23 8.19
CA GLY A 33 -17.01 1.62 8.08
C GLY A 33 -16.22 2.52 9.00
N GLU A 34 -16.48 3.82 8.89
CA GLU A 34 -15.65 4.81 9.60
C GLU A 34 -15.77 4.66 11.11
N GLU A 35 -16.96 4.33 11.62
CA GLU A 35 -17.11 4.14 13.05
C GLU A 35 -16.25 2.98 13.55
N GLY A 36 -16.38 1.81 12.93
CA GLY A 36 -15.54 0.69 13.31
C GLY A 36 -14.05 0.97 13.14
N CYS A 37 -13.68 1.67 12.07
CA CYS A 37 -12.28 2.05 11.87
C CYS A 37 -11.78 2.87 13.05
N GLN A 38 -12.54 3.87 13.47
CA GLN A 38 -12.13 4.71 14.61
C GLN A 38 -11.89 3.86 15.85
N GLU A 39 -12.87 3.06 16.25
CA GLU A 39 -12.68 2.20 17.41
C GLU A 39 -11.50 1.25 17.22
N THR A 40 -11.39 0.63 16.05
CA THR A 40 -10.29 -0.31 15.83
C THR A 40 -8.95 0.40 15.88
N SER A 41 -8.91 1.65 15.42
CA SER A 41 -7.66 2.38 15.45
C SER A 41 -7.21 2.61 16.89
N GLN A 42 -8.16 2.80 17.81
CA GLN A 42 -7.83 3.14 19.19
C GLN A 42 -7.49 1.91 20.00
N THR A 43 -8.21 0.82 19.77
CA THR A 43 -7.91 -0.42 20.50
C THR A 43 -6.79 -1.21 19.84
N GLY A 44 -6.64 -1.09 18.53
CA GLY A 44 -5.67 -1.90 17.82
C GLY A 44 -6.08 -3.34 17.64
N ARG A 45 -7.35 -3.67 17.91
CA ARG A 45 -7.84 -5.04 17.82
C ARG A 45 -8.81 -5.14 16.66
N ASP A 46 -8.47 -5.97 15.69
CA ASP A 46 -9.28 -6.13 14.48
C ASP A 46 -9.55 -7.61 14.30
N LYS A 47 -10.81 -8.03 14.45
CA LYS A 47 -11.20 -9.42 14.30
C LYS A 47 -11.64 -9.76 12.88
N ASN A 48 -11.67 -8.81 11.97
CA ASN A 48 -12.13 -9.06 10.61
C ASN A 48 -11.20 -10.03 9.89
N GLN A 49 -11.77 -10.90 9.06
CA GLN A 49 -10.98 -11.78 8.22
C GLN A 49 -10.39 -10.95 7.09
N VAL A 50 -9.09 -11.11 6.84
CA VAL A 50 -8.40 -10.40 5.75
C VAL A 50 -8.21 -11.36 4.58
N GLU A 51 -8.42 -10.86 3.36
CA GLU A 51 -8.19 -11.64 2.16
C GLU A 51 -7.47 -10.77 1.14
N GLY A 52 -6.82 -11.43 0.17
CA GLY A 52 -6.24 -10.72 -0.94
C GLY A 52 -4.86 -10.16 -0.68
N GLU A 53 -4.34 -9.54 -1.74
CA GLU A 53 -2.99 -9.01 -1.73
C GLU A 53 -2.92 -7.53 -1.42
N VAL A 54 -3.90 -6.74 -1.86
CA VAL A 54 -3.87 -5.29 -1.75
C VAL A 54 -4.94 -4.87 -0.75
N GLN A 55 -4.51 -4.27 0.35
CA GLN A 55 -5.41 -3.81 1.40
C GLN A 55 -5.56 -2.30 1.30
N ILE A 56 -6.77 -1.83 1.62
CA ILE A 56 -7.00 -0.41 1.87
C ILE A 56 -6.88 -0.18 3.37
N VAL A 57 -6.08 0.82 3.75
CA VAL A 57 -5.82 1.07 5.17
C VAL A 57 -6.07 2.54 5.45
N SER A 58 -6.47 2.84 6.68
CA SER A 58 -6.73 4.22 7.07
C SER A 58 -6.06 4.50 8.41
N THR A 59 -5.66 5.76 8.59
CA THR A 59 -5.32 6.32 9.87
C THR A 59 -6.47 7.22 10.33
N ALA A 60 -6.23 8.02 11.37
CA ALA A 60 -7.20 9.04 11.75
C ALA A 60 -7.39 10.04 10.61
N THR A 61 -6.31 10.38 9.91
CA THR A 61 -6.31 11.43 8.91
C THR A 61 -6.37 10.91 7.49
N GLN A 62 -5.62 9.85 7.18
CA GLN A 62 -5.40 9.46 5.79
C GLN A 62 -5.95 8.07 5.49
N THR A 63 -6.20 7.83 4.20
CA THR A 63 -6.53 6.52 3.66
C THR A 63 -5.64 6.27 2.47
N PHE A 64 -4.97 5.12 2.45
CA PHE A 64 -4.04 4.77 1.38
C PHE A 64 -4.07 3.24 1.24
N LEU A 65 -3.02 2.66 0.66
CA LEU A 65 -2.99 1.24 0.37
C LEU A 65 -1.80 0.56 1.05
N ALA A 66 -1.94 -0.76 1.24
CA ALA A 66 -0.89 -1.63 1.74
C ALA A 66 -0.89 -2.90 0.90
N THR A 67 0.30 -3.42 0.57
CA THR A 67 0.47 -4.52 -0.37
C THR A 67 1.34 -5.61 0.22
N SER A 68 0.85 -6.85 0.17
CA SER A 68 1.56 -7.99 0.70
C SER A 68 2.46 -8.58 -0.38
N ILE A 69 3.75 -8.71 -0.06
CA ILE A 69 4.75 -9.29 -0.95
C ILE A 69 5.68 -10.15 -0.12
N ASN A 70 5.80 -11.42 -0.47
CA ASN A 70 6.56 -12.41 0.27
C ASN A 70 6.32 -12.32 1.77
N GLY A 71 5.05 -12.36 2.17
CA GLY A 71 4.70 -12.46 3.58
C GLY A 71 4.90 -11.20 4.39
N VAL A 72 5.08 -10.06 3.73
CA VAL A 72 5.16 -8.77 4.41
C VAL A 72 4.14 -7.83 3.78
N LEU A 73 3.35 -7.18 4.62
CA LEU A 73 2.42 -6.14 4.18
C LEU A 73 3.16 -4.81 4.18
N TRP A 74 3.38 -4.27 2.99
CA TRP A 74 4.18 -3.08 2.80
C TRP A 74 3.32 -1.85 2.54
N THR A 75 3.79 -0.70 3.03
CA THR A 75 3.19 0.58 2.68
C THR A 75 4.24 1.67 2.86
N VAL A 76 3.81 2.93 2.74
CA VAL A 76 4.74 4.06 2.71
C VAL A 76 4.85 4.67 4.09
N TYR A 77 6.05 5.13 4.43
CA TYR A 77 6.25 5.80 5.71
C TYR A 77 5.46 7.10 5.79
N HIS A 78 5.38 7.86 4.70
CA HIS A 78 4.70 9.15 4.78
C HIS A 78 3.19 8.99 4.98
N GLY A 79 2.66 7.77 4.87
CA GLY A 79 1.27 7.53 5.21
C GLY A 79 1.12 6.90 6.58
N ALA A 80 1.89 5.85 6.85
CA ALA A 80 1.75 5.13 8.11
C ALA A 80 2.68 5.63 9.21
N GLY A 81 3.72 6.38 8.88
CA GLY A 81 4.72 6.71 9.88
C GLY A 81 5.21 5.45 10.57
N THR A 82 5.36 5.54 11.89
CA THR A 82 5.82 4.41 12.70
C THR A 82 4.66 3.66 13.37
N ARG A 83 3.43 3.89 12.93
CA ARG A 83 2.28 3.35 13.63
C ARG A 83 2.27 1.83 13.57
N THR A 84 1.63 1.23 14.57
CA THR A 84 1.28 -0.17 14.54
C THR A 84 0.09 -0.40 13.61
N ILE A 85 -0.18 -1.66 13.29
CA ILE A 85 -1.37 -2.03 12.53
C ILE A 85 -2.25 -2.90 13.42
N ALA A 86 -3.56 -2.70 13.35
CA ALA A 86 -4.49 -3.44 14.19
C ALA A 86 -4.60 -4.88 13.69
N SER A 87 -4.75 -5.82 14.62
CA SER A 87 -4.79 -7.23 14.27
C SER A 87 -5.71 -7.94 15.25
N PRO A 88 -5.99 -9.23 15.02
CA PRO A 88 -6.91 -9.93 15.93
C PRO A 88 -6.42 -10.00 17.38
N LYS A 89 -5.11 -9.93 17.61
CA LYS A 89 -4.56 -10.06 18.95
C LYS A 89 -4.11 -8.73 19.53
N GLY A 90 -4.28 -7.63 18.80
CA GLY A 90 -3.86 -6.34 19.28
C GLY A 90 -2.97 -5.63 18.29
N PRO A 91 -2.51 -4.43 18.63
CA PRO A 91 -1.63 -3.68 17.72
C PRO A 91 -0.34 -4.44 17.45
N VAL A 92 0.06 -4.47 16.19
CA VAL A 92 1.24 -5.20 15.73
C VAL A 92 2.31 -4.19 15.35
N THR A 93 3.52 -4.40 15.86
CA THR A 93 4.63 -3.48 15.63
C THR A 93 5.24 -3.66 14.26
N GLN A 94 5.64 -2.55 13.65
CA GLN A 94 6.23 -2.60 12.33
C GLN A 94 7.43 -3.55 12.33
N MET A 95 7.46 -4.45 11.34
CA MET A 95 8.61 -5.32 11.15
C MET A 95 9.74 -4.62 10.40
N TYR A 96 9.40 -3.67 9.54
CA TYR A 96 10.39 -2.89 8.80
C TYR A 96 10.01 -1.43 8.91
N THR A 97 11.02 -0.57 9.06
CA THR A 97 10.83 0.88 9.06
C THR A 97 12.05 1.52 8.40
N ASN A 98 11.85 2.14 7.24
CA ASN A 98 12.96 2.78 6.50
C ASN A 98 12.47 4.10 5.93
N VAL A 99 12.72 5.19 6.65
CA VAL A 99 12.27 6.50 6.19
C VAL A 99 13.02 6.90 4.93
N ASP A 100 14.26 6.43 4.75
CA ASP A 100 15.03 6.83 3.58
C ASP A 100 14.46 6.24 2.30
N LYS A 101 13.84 5.06 2.38
CA LYS A 101 13.10 4.49 1.27
C LYS A 101 11.62 4.86 1.27
N ASP A 102 11.16 5.58 2.30
CA ASP A 102 9.73 5.89 2.47
C ASP A 102 8.92 4.60 2.55
N LEU A 103 9.42 3.64 3.34
CA LEU A 103 8.90 2.29 3.36
C LEU A 103 8.74 1.77 4.77
N VAL A 104 7.60 1.13 5.03
CA VAL A 104 7.38 0.37 6.25
C VAL A 104 6.70 -0.94 5.89
N GLY A 105 6.66 -1.85 6.86
CA GLY A 105 6.07 -3.14 6.64
C GLY A 105 5.77 -3.85 7.93
N TRP A 106 4.70 -4.64 7.90
CA TRP A 106 4.32 -5.53 8.98
C TRP A 106 4.24 -6.95 8.43
N GLN A 107 4.29 -7.93 9.34
CA GLN A 107 4.00 -9.30 8.93
C GLN A 107 2.63 -9.35 8.28
N ALA A 108 2.53 -10.07 7.17
CA ALA A 108 1.27 -10.12 6.44
C ALA A 108 0.18 -10.73 7.30
N PRO A 109 -1.02 -10.18 7.30
CA PRO A 109 -2.10 -10.73 8.15
C PRO A 109 -2.42 -12.17 7.78
N GLN A 110 -2.79 -12.95 8.80
CA GLN A 110 -3.25 -14.31 8.56
C GLN A 110 -4.46 -14.26 7.64
N GLY A 111 -4.40 -15.03 6.55
CA GLY A 111 -5.45 -15.05 5.55
C GLY A 111 -5.16 -14.22 4.32
N SER A 112 -4.23 -13.29 4.41
CA SER A 112 -3.84 -12.52 3.25
C SER A 112 -3.08 -13.41 2.27
N ARG A 113 -2.95 -12.95 1.02
CA ARG A 113 -2.13 -13.60 0.00
C ARG A 113 -1.05 -12.62 -0.44
N SER A 114 0.15 -13.13 -0.64
CA SER A 114 1.30 -12.32 -1.04
C SER A 114 1.54 -12.43 -2.53
N LEU A 115 1.92 -11.32 -3.14
CA LEU A 115 2.42 -11.32 -4.51
C LEU A 115 3.86 -11.79 -4.52
N THR A 116 4.27 -12.36 -5.66
CA THR A 116 5.65 -12.82 -5.80
C THR A 116 6.52 -11.73 -6.43
N PRO A 117 7.70 -11.46 -5.90
CA PRO A 117 8.56 -10.45 -6.53
C PRO A 117 8.84 -10.82 -7.97
N CYS A 118 8.85 -9.82 -8.85
CA CYS A 118 9.04 -10.06 -10.27
C CYS A 118 10.49 -10.40 -10.60
N THR A 119 10.66 -11.43 -11.44
CA THR A 119 11.96 -11.84 -11.93
C THR A 119 12.11 -11.59 -13.43
N CYS A 120 11.13 -10.94 -14.05
CA CYS A 120 11.06 -10.88 -15.50
C CYS A 120 11.99 -9.83 -16.09
N GLY A 121 12.21 -8.73 -15.39
CA GLY A 121 12.91 -7.61 -15.98
C GLY A 121 12.09 -6.83 -16.98
N SER A 122 10.78 -7.02 -16.98
CA SER A 122 9.91 -6.30 -17.90
C SER A 122 9.76 -4.84 -17.50
N SER A 123 9.42 -4.01 -18.48
CA SER A 123 9.23 -2.58 -18.26
C SER A 123 7.82 -2.13 -18.62
N ASP A 124 6.91 -3.06 -18.92
CA ASP A 124 5.50 -2.77 -19.15
C ASP A 124 4.76 -3.10 -17.85
N LEU A 125 4.35 -2.06 -17.13
CA LEU A 125 3.85 -2.19 -15.77
C LEU A 125 2.40 -1.72 -15.68
N TYR A 126 1.79 -2.03 -14.54
CA TYR A 126 0.38 -1.74 -14.29
C TYR A 126 0.21 -1.30 -12.85
N LEU A 127 -0.26 -0.07 -12.65
CA LEU A 127 -0.47 0.48 -11.32
C LEU A 127 -1.91 0.23 -10.89
N VAL A 128 -2.07 -0.33 -9.70
CA VAL A 128 -3.38 -0.58 -9.12
C VAL A 128 -3.66 0.55 -8.13
N THR A 129 -4.77 1.25 -8.32
CA THR A 129 -5.11 2.40 -7.50
C THR A 129 -6.13 2.00 -6.44
N ARG A 130 -6.42 2.95 -5.54
CA ARG A 130 -7.38 2.72 -4.48
C ARG A 130 -8.81 2.63 -4.98
N HIS A 131 -9.07 3.05 -6.23
CA HIS A 131 -10.38 2.95 -6.85
C HIS A 131 -10.42 1.81 -7.86
N ALA A 132 -9.49 0.86 -7.74
CA ALA A 132 -9.43 -0.32 -8.59
C ALA A 132 -9.13 0.01 -10.04
N ASP A 133 -8.53 1.17 -10.32
CA ASP A 133 -7.97 1.43 -11.63
C ASP A 133 -6.73 0.57 -11.83
N VAL A 134 -6.52 0.12 -13.07
CA VAL A 134 -5.31 -0.60 -13.46
C VAL A 134 -4.67 0.22 -14.56
N ILE A 135 -3.75 1.10 -14.19
CA ILE A 135 -3.22 2.13 -15.08
C ILE A 135 -1.95 1.61 -15.74
N PRO A 136 -1.87 1.54 -17.06
CA PRO A 136 -0.61 1.15 -17.71
C PRO A 136 0.49 2.16 -17.41
N VAL A 137 1.67 1.63 -17.12
CA VAL A 137 2.84 2.45 -16.80
C VAL A 137 4.06 1.86 -17.48
N ARG A 138 4.78 2.69 -18.23
CA ARG A 138 6.07 2.32 -18.80
C ARG A 138 7.20 2.67 -17.83
N ARG A 139 7.93 1.66 -17.39
CA ARG A 139 9.07 1.92 -16.51
C ARG A 139 10.12 2.76 -17.22
N ARG A 140 10.62 3.80 -16.55
CA ARG A 140 11.64 4.68 -17.10
C ARG A 140 12.93 4.67 -16.30
N GLY A 141 12.95 4.02 -15.14
CA GLY A 141 14.15 3.97 -14.33
C GLY A 141 13.97 2.93 -13.24
N ASP A 142 14.97 2.85 -12.36
CA ASP A 142 14.86 1.93 -11.25
C ASP A 142 13.65 2.24 -10.40
N SER A 143 13.28 3.53 -10.32
CA SER A 143 12.29 3.96 -9.36
C SER A 143 11.21 4.87 -9.94
N ARG A 144 11.05 4.89 -11.25
N ARG A 144 10.99 4.85 -11.24
CA ARG A 144 10.09 5.76 -11.90
CA ARG A 144 10.05 5.77 -11.87
C ARG A 144 9.45 5.06 -13.10
C ARG A 144 9.46 5.13 -13.12
N GLY A 145 8.17 5.38 -13.33
CA GLY A 145 7.52 5.02 -14.58
C GLY A 145 6.62 6.14 -15.05
N SER A 146 6.34 6.15 -16.35
CA SER A 146 5.55 7.18 -16.98
C SER A 146 4.13 6.68 -17.24
N LEU A 147 3.15 7.51 -16.94
CA LEU A 147 1.77 7.16 -17.21
C LEU A 147 1.53 7.27 -18.70
N LEU A 148 1.05 6.18 -19.31
CA LEU A 148 0.72 6.22 -20.73
C LEU A 148 -0.35 7.27 -21.03
N SER A 149 -1.30 7.43 -20.11
CA SER A 149 -2.33 8.47 -20.20
C SER A 149 -2.30 9.33 -18.94
N PRO A 150 -1.66 10.48 -18.96
CA PRO A 150 -1.60 11.31 -17.74
C PRO A 150 -3.00 11.70 -17.25
N ARG A 151 -3.10 11.87 -15.94
CA ARG A 151 -4.35 12.20 -15.27
C ARG A 151 -4.10 13.25 -14.20
N PRO A 152 -5.15 13.95 -13.76
CA PRO A 152 -5.00 14.83 -12.59
C PRO A 152 -4.52 14.05 -11.38
N ILE A 153 -3.77 14.74 -10.51
CA ILE A 153 -3.21 14.06 -9.34
C ILE A 153 -4.32 13.50 -8.46
N SER A 154 -5.51 14.11 -8.51
CA SER A 154 -6.62 13.65 -7.69
C SER A 154 -6.84 12.15 -7.85
N TYR A 155 -6.65 11.63 -9.06
CA TYR A 155 -6.98 10.22 -9.31
C TYR A 155 -5.99 9.28 -8.61
N LEU A 156 -4.78 9.74 -8.34
CA LEU A 156 -3.79 8.92 -7.65
C LEU A 156 -3.74 9.17 -6.14
N LYS A 157 -4.43 10.18 -5.64
CA LYS A 157 -4.43 10.46 -4.22
C LYS A 157 -4.93 9.24 -3.46
N GLY A 158 -4.24 8.87 -2.39
CA GLY A 158 -4.62 7.73 -1.58
C GLY A 158 -4.27 6.38 -2.15
N SER A 159 -3.40 6.33 -3.16
CA SER A 159 -2.95 5.07 -3.74
C SER A 159 -1.53 4.69 -3.36
N SER A 160 -0.81 5.56 -2.64
CA SER A 160 0.50 5.19 -2.09
C SER A 160 0.41 3.88 -1.36
N GLY A 161 1.44 3.05 -1.52
CA GLY A 161 1.46 1.71 -0.98
C GLY A 161 0.83 0.66 -1.88
N GLY A 162 0.18 1.08 -2.96
CA GLY A 162 -0.33 0.16 -3.95
C GLY A 162 0.75 -0.40 -4.85
N PRO A 163 0.44 -1.50 -5.55
CA PRO A 163 1.48 -2.17 -6.34
C PRO A 163 1.57 -1.72 -7.78
N LEU A 164 2.80 -1.77 -8.30
CA LEU A 164 3.06 -1.80 -9.73
C LEU A 164 3.34 -3.25 -10.09
N LEU A 165 2.64 -3.77 -11.09
CA LEU A 165 2.66 -5.18 -11.43
C LEU A 165 3.34 -5.43 -12.78
N CYS A 166 4.06 -6.54 -12.87
CA CYS A 166 4.55 -7.03 -14.13
C CYS A 166 3.38 -7.49 -15.00
N PRO A 167 3.65 -7.85 -16.26
CA PRO A 167 2.56 -8.41 -17.10
C PRO A 167 2.03 -9.72 -16.55
N ALA A 168 2.87 -10.50 -15.87
CA ALA A 168 2.44 -11.78 -15.32
C ALA A 168 1.84 -11.65 -13.92
N GLY A 169 1.66 -10.43 -13.42
CA GLY A 169 1.09 -10.25 -12.11
C GLY A 169 2.08 -10.28 -10.97
N HIS A 170 3.37 -10.29 -11.27
CA HIS A 170 4.35 -10.18 -10.21
C HIS A 170 4.40 -8.75 -9.66
N ALA A 171 4.85 -8.64 -8.41
CA ALA A 171 5.06 -7.33 -7.80
C ALA A 171 6.36 -6.75 -8.32
N VAL A 172 6.28 -5.58 -8.95
CA VAL A 172 7.48 -4.87 -9.38
C VAL A 172 7.87 -3.72 -8.43
N GLY A 173 6.93 -3.10 -7.71
CA GLY A 173 7.29 -1.98 -6.85
C GLY A 173 6.06 -1.55 -6.08
N ILE A 174 6.31 -0.68 -5.11
CA ILE A 174 5.28 -0.08 -4.28
C ILE A 174 5.15 1.38 -4.67
N PHE A 175 3.96 1.78 -5.09
CA PHE A 175 3.71 3.17 -5.47
C PHE A 175 4.02 4.10 -4.30
N ARG A 176 4.88 5.08 -4.52
CA ARG A 176 5.32 5.99 -3.46
C ARG A 176 4.71 7.38 -3.60
N THR A 177 4.94 8.04 -4.73
CA THR A 177 4.35 9.36 -4.95
C THR A 177 4.31 9.66 -6.43
N ALA A 178 3.38 10.52 -6.82
CA ALA A 178 3.23 10.91 -8.22
C ALA A 178 4.21 12.03 -8.54
N VAL A 179 4.52 12.15 -9.82
CA VAL A 179 5.36 13.21 -10.37
C VAL A 179 4.44 14.06 -11.23
N CYS A 180 4.30 15.34 -10.87
CA CYS A 180 3.27 16.18 -11.48
C CYS A 180 3.83 17.46 -12.06
N THR A 181 3.07 18.02 -12.99
CA THR A 181 3.33 19.34 -13.58
C THR A 181 2.00 20.06 -13.68
N ARG A 182 1.86 21.17 -12.95
CA ARG A 182 0.60 21.91 -12.95
C ARG A 182 -0.55 21.07 -12.40
N GLY A 183 -0.24 20.18 -11.46
CA GLY A 183 -1.23 19.31 -10.86
C GLY A 183 -1.58 18.09 -11.67
N VAL A 184 -0.95 17.87 -12.82
CA VAL A 184 -1.22 16.73 -13.68
C VAL A 184 -0.14 15.68 -13.45
N ALA A 185 -0.55 14.48 -13.06
CA ALA A 185 0.38 13.38 -12.85
C ALA A 185 0.79 12.80 -14.20
N LYS A 186 2.05 13.00 -14.58
CA LYS A 186 2.56 12.44 -15.83
C LYS A 186 3.43 11.21 -15.61
N ALA A 187 3.92 11.01 -14.40
CA ALA A 187 4.81 9.89 -14.07
C ALA A 187 4.59 9.51 -12.63
N VAL A 188 5.15 8.37 -12.23
CA VAL A 188 5.06 7.88 -10.86
C VAL A 188 6.43 7.42 -10.38
N ASP A 189 6.67 7.61 -9.09
CA ASP A 189 7.86 7.09 -8.42
C ASP A 189 7.40 6.00 -7.48
N PHE A 190 8.15 4.90 -7.45
CA PHE A 190 7.79 3.75 -6.66
C PHE A 190 9.05 3.14 -6.05
N ILE A 191 8.82 2.32 -5.02
CA ILE A 191 9.91 1.58 -4.36
C ILE A 191 10.09 0.28 -5.10
N PRO A 192 11.23 0.04 -5.74
CA PRO A 192 11.39 -1.20 -6.50
C PRO A 192 11.33 -2.40 -5.58
N VAL A 193 10.81 -3.51 -6.10
CA VAL A 193 10.70 -4.72 -5.30
C VAL A 193 12.07 -5.22 -4.89
N GLU A 194 13.06 -5.07 -5.77
CA GLU A 194 14.43 -5.43 -5.41
C GLU A 194 14.86 -4.74 -4.13
N SER A 195 14.48 -3.46 -3.98
CA SER A 195 14.78 -2.74 -2.75
C SER A 195 14.05 -3.35 -1.55
N LEU A 196 12.84 -3.88 -1.76
CA LEU A 196 12.16 -4.60 -0.69
C LEU A 196 12.86 -5.92 -0.36
N GLU A 197 13.26 -6.67 -1.39
CA GLU A 197 13.92 -7.95 -1.16
C GLU A 197 15.23 -7.75 -0.38
N THR A 198 15.98 -6.71 -0.73
CA THR A 198 17.22 -6.44 -0.01
C THR A 198 16.93 -6.13 1.46
N THR A 199 15.95 -5.25 1.71
CA THR A 199 15.53 -5.00 3.08
C THR A 199 15.12 -6.28 3.77
N MET A 200 14.56 -7.23 3.03
CA MET A 200 14.13 -8.50 3.61
C MET A 200 15.28 -9.49 3.79
N ARG A 201 16.39 -9.30 3.09
CA ARG A 201 17.49 -10.27 3.11
C ARG A 201 17.01 -11.61 2.55
ZN ZN B . 7.38 -10.43 -13.49
C1 GOL C . -15.86 -9.46 8.25
O1 GOL C . -15.50 -10.84 8.18
C2 GOL C . -16.07 -8.96 6.82
O2 GOL C . -16.52 -7.63 6.82
C3 GOL C . -14.71 -9.16 6.20
O3 GOL C . -14.94 -9.54 4.83
H11 GOL C . -15.17 -8.92 8.69
H12 GOL C . -16.67 -9.32 8.77
HO1 GOL C . -15.57 -11.16 8.97
H2 GOL C . -16.75 -9.45 6.32
HO2 GOL C . -17.06 -7.55 6.17
H31 GOL C . -14.23 -9.83 6.71
H32 GOL C . -14.20 -8.34 6.30
HO3 GOL C . -15.75 -9.36 4.64
S SO4 D . -1.24 9.49 -1.33
O1 SO4 D . -1.66 8.13 -1.00
O2 SO4 D . -0.79 9.52 -2.72
O3 SO4 D . -2.33 10.46 -1.16
O4 SO4 D . -0.12 9.86 -0.47
S SO4 E . 9.39 10.30 3.88
O1 SO4 E . 10.15 9.07 4.17
O2 SO4 E . 9.25 10.45 2.44
O3 SO4 E . 8.08 10.19 4.52
O4 SO4 E . 10.11 11.44 4.45
S SO4 F . -4.33 9.72 15.55
O1 SO4 F . -5.02 8.74 16.37
O2 SO4 F . -4.13 9.18 14.21
O3 SO4 F . -5.12 10.95 15.46
O4 SO4 F . -3.04 10.04 16.16
S SO4 G . 7.03 11.31 11.04
O1 SO4 G . 8.35 10.75 11.35
O2 SO4 G . 6.01 10.26 11.12
O3 SO4 G . 7.06 11.85 9.68
O4 SO4 G . 6.70 12.39 11.97
#